data_5N3H
#
_entry.id   5N3H
#
_cell.length_a   51.318
_cell.length_b   72.062
_cell.length_c   97.428
_cell.angle_alpha   90.00
_cell.angle_beta   90.00
_cell.angle_gamma   90.00
#
_symmetry.space_group_name_H-M   'P 21 21 21'
#
loop_
_entity.id
_entity.type
_entity.pdbx_description
1 polymer 'cAMP-dependent protein kinase catalytic subunit alpha'
2 non-polymer NICOTINAMIDE
3 non-polymer 'DIMETHYL SULFOXIDE'
4 water water
#
_entity_poly.entity_id   1
_entity_poly.type   'polypeptide(L)'
_entity_poly.pdbx_seq_one_letter_code
;GHMGNAAAAKKG(SEP)EQESVKEFLAKAKEEFLKKWESPSQNTAQLDHFDRIKTLGTGSFGRVMLVKHKETGNHYAMKI
LDKQKVVKLKQIEHTLNEKRILQAVNFPFLVKLEFSFKDNSNLYMVMEYVPGGEMFSHLRRIGRF(SEP)EPHARFYAAQ
IVLTFEYLHSLDLIYRDLKPENLLIDQQGYIQVTDFGFAKRVKGRTW(TPO)LCGTPEYLAPEIILSKGYNKAVDWWALG
VLIYEMAAGYPPFFADQPIQIYEKIVSGKVRFPSHFSSDLKDLLRNLLQVDLTKRFGNLKNGVNDIKNHKWFATTDWIAI
YQRKVEAPFIPKFKGPGDTSNFDDYEEEEIRV(SEP)INEKCGKEFTEF
;
_entity_poly.pdbx_strand_id   A
#
loop_
_chem_comp.id
_chem_comp.type
_chem_comp.name
_chem_comp.formula
DMS non-polymer 'DIMETHYL SULFOXIDE' 'C2 H6 O S'
NCA non-polymer NICOTINAMIDE 'C6 H6 N2 O'
#
# COMPACT_ATOMS: atom_id res chain seq x y z
N GLU A 14 12.34 -0.22 23.50
CA GLU A 14 11.21 0.71 23.43
C GLU A 14 10.32 0.51 24.66
N GLN A 15 9.29 1.35 24.80
CA GLN A 15 8.42 1.23 25.96
C GLN A 15 7.73 -0.12 25.94
N GLU A 16 7.66 -0.74 27.11
CA GLU A 16 6.99 -2.02 27.24
C GLU A 16 5.59 -1.96 26.65
N SER A 17 4.97 -0.79 26.66
CA SER A 17 3.63 -0.65 26.08
C SER A 17 3.64 -1.01 24.60
N VAL A 18 4.67 -0.56 23.87
CA VAL A 18 4.79 -0.85 22.45
C VAL A 18 5.12 -2.33 22.24
N LYS A 19 6.02 -2.87 23.05
CA LYS A 19 6.39 -4.28 22.95
C LYS A 19 5.17 -5.17 23.14
N GLU A 20 4.36 -4.88 24.16
CA GLU A 20 3.20 -5.72 24.42
C GLU A 20 2.13 -5.55 23.34
N PHE A 21 2.00 -4.33 22.80
CA PHE A 21 1.09 -4.12 21.68
C PHE A 21 1.50 -4.98 20.50
N LEU A 22 2.78 -4.93 20.11
CA LEU A 22 3.21 -5.69 18.95
C LEU A 22 3.15 -7.19 19.18
N ALA A 23 3.39 -7.65 20.42
CA ALA A 23 3.29 -9.07 20.71
C ALA A 23 1.87 -9.56 20.50
N LYS A 24 0.88 -8.80 20.97
CA LYS A 24 -0.52 -9.16 20.74
C LYS A 24 -0.85 -9.09 19.25
N ALA A 25 -0.35 -8.07 18.56
CA ALA A 25 -0.59 -7.94 17.13
C ALA A 25 -0.09 -9.18 16.38
N LYS A 26 1.09 -9.67 16.75
CA LYS A 26 1.65 -10.83 16.07
C LYS A 26 0.88 -12.10 16.41
N GLU A 27 0.49 -12.27 17.67
CA GLU A 27 -0.34 -13.41 18.07
C GLU A 27 -1.59 -13.48 17.22
N GLU A 28 -2.27 -12.35 17.06
CA GLU A 28 -3.56 -12.35 16.37
C GLU A 28 -3.37 -12.59 14.88
N PHE A 29 -2.33 -11.98 14.30
CA PHE A 29 -1.98 -12.24 12.91
C PHE A 29 -1.69 -13.71 12.68
N LEU A 30 -0.85 -14.32 13.52
CA LEU A 30 -0.45 -15.70 13.28
C LEU A 30 -1.62 -16.66 13.33
N LYS A 31 -2.57 -16.45 14.25
CA LYS A 31 -3.72 -17.33 14.32
C LYS A 31 -4.49 -17.32 12.99
N LYS A 32 -4.71 -16.14 12.42
CA LYS A 32 -5.40 -16.05 11.13
C LYS A 32 -4.52 -16.52 9.98
N TRP A 33 -3.22 -16.26 10.06
CA TRP A 33 -2.28 -16.70 9.03
C TRP A 33 -2.27 -18.22 8.92
N GLU A 34 -2.31 -18.91 10.05
CA GLU A 34 -2.23 -20.35 10.04
CA GLU A 34 -2.24 -20.36 10.08
C GLU A 34 -3.54 -21.02 9.65
N SER A 35 -4.68 -20.33 9.80
CA SER A 35 -6.00 -20.88 9.49
C SER A 35 -6.80 -19.84 8.69
N PRO A 36 -6.45 -19.63 7.43
CA PRO A 36 -7.06 -18.52 6.68
C PRO A 36 -8.53 -18.76 6.39
N SER A 37 -9.29 -17.66 6.37
CA SER A 37 -10.68 -17.71 5.94
CA SER A 37 -10.68 -17.69 5.95
C SER A 37 -10.75 -17.95 4.44
N GLN A 38 -11.80 -18.64 4.02
CA GLN A 38 -12.00 -18.98 2.62
C GLN A 38 -13.48 -18.97 2.31
N ASN A 39 -13.82 -18.54 1.08
CA ASN A 39 -15.15 -18.79 0.52
C ASN A 39 -16.27 -18.20 1.40
N THR A 40 -16.17 -16.91 1.67
CA THR A 40 -17.08 -16.26 2.61
C THR A 40 -18.17 -15.43 1.95
N ALA A 41 -18.24 -15.41 0.63
CA ALA A 41 -19.37 -14.82 -0.09
C ALA A 41 -19.40 -15.45 -1.49
N GLN A 42 -20.28 -14.94 -2.36
CA GLN A 42 -20.29 -15.36 -3.75
C GLN A 42 -20.73 -14.18 -4.61
N LEU A 43 -20.46 -14.29 -5.92
CA LEU A 43 -20.60 -13.14 -6.79
C LEU A 43 -22.04 -12.62 -6.85
N ASP A 44 -23.02 -13.53 -6.90
CA ASP A 44 -24.41 -13.10 -7.04
C ASP A 44 -25.03 -12.54 -5.75
N HIS A 45 -24.25 -12.39 -4.69
CA HIS A 45 -24.68 -11.61 -3.54
C HIS A 45 -24.53 -10.11 -3.78
N PHE A 46 -23.92 -9.69 -4.91
CA PHE A 46 -23.59 -8.31 -5.16
C PHE A 46 -24.13 -7.83 -6.52
N ASP A 47 -24.44 -6.54 -6.57
CA ASP A 47 -24.69 -5.79 -7.80
C ASP A 47 -23.43 -5.05 -8.18
N ARG A 48 -23.12 -5.05 -9.46
CA ARG A 48 -22.00 -4.30 -10.00
C ARG A 48 -22.42 -2.86 -10.25
N ILE A 49 -21.62 -1.90 -9.80
CA ILE A 49 -21.93 -0.48 -9.96
C ILE A 49 -21.01 0.20 -10.99
N LYS A 50 -19.69 0.10 -10.82
CA LYS A 50 -18.76 0.86 -11.64
C LYS A 50 -17.37 0.27 -11.53
N THR A 51 -16.60 0.37 -12.62
CA THR A 51 -15.18 0.01 -12.59
C THR A 51 -14.39 1.20 -12.04
N LEU A 52 -13.63 0.94 -10.98
CA LEU A 52 -12.82 1.96 -10.32
C LEU A 52 -11.36 1.95 -10.75
N GLY A 53 -10.88 0.85 -11.34
CA GLY A 53 -9.50 0.72 -11.77
C GLY A 53 -9.29 -0.56 -12.55
N THR A 54 -8.31 -0.61 -13.45
CA THR A 54 -8.07 -1.79 -14.25
CA THR A 54 -8.08 -1.76 -14.30
C THR A 54 -6.58 -1.96 -14.48
N GLY A 55 -6.17 -3.22 -14.58
CA GLY A 55 -4.77 -3.58 -14.77
C GLY A 55 -4.62 -4.75 -15.73
N SER A 56 -3.41 -5.32 -15.80
CA SER A 56 -3.14 -6.36 -16.79
C SER A 56 -3.77 -7.71 -16.45
N PHE A 57 -4.05 -7.99 -15.17
CA PHE A 57 -4.67 -9.25 -14.81
C PHE A 57 -5.89 -9.10 -13.90
N GLY A 58 -6.34 -7.88 -13.63
CA GLY A 58 -7.48 -7.70 -12.76
C GLY A 58 -8.06 -6.30 -12.83
N ARG A 59 -9.07 -6.09 -11.99
CA ARG A 59 -9.83 -4.85 -11.92
C ARG A 59 -10.32 -4.67 -10.50
N VAL A 60 -10.67 -3.44 -10.16
CA VAL A 60 -11.40 -3.16 -8.92
C VAL A 60 -12.73 -2.53 -9.28
N MET A 61 -13.81 -3.07 -8.71
CA MET A 61 -15.17 -2.65 -9.00
CA MET A 61 -15.17 -2.62 -9.00
C MET A 61 -15.84 -2.14 -7.74
N LEU A 62 -16.63 -1.08 -7.86
CA LEU A 62 -17.60 -0.75 -6.83
C LEU A 62 -18.78 -1.68 -6.99
N VAL A 63 -19.14 -2.36 -5.90
CA VAL A 63 -20.29 -3.26 -5.84
C VAL A 63 -21.16 -2.88 -4.65
N LYS A 64 -22.39 -3.36 -4.68
CA LYS A 64 -23.30 -3.19 -3.56
C LYS A 64 -23.88 -4.55 -3.16
N HIS A 65 -23.80 -4.87 -1.89
CA HIS A 65 -24.37 -6.11 -1.39
C HIS A 65 -25.89 -6.00 -1.43
N LYS A 66 -26.54 -7.00 -2.04
CA LYS A 66 -27.95 -6.89 -2.37
C LYS A 66 -28.86 -6.99 -1.14
N GLU A 67 -28.40 -7.62 -0.06
CA GLU A 67 -29.23 -7.75 1.12
C GLU A 67 -28.99 -6.65 2.14
N THR A 68 -27.74 -6.26 2.37
CA THR A 68 -27.44 -5.24 3.37
C THR A 68 -27.43 -3.83 2.80
N GLY A 69 -27.20 -3.68 1.50
CA GLY A 69 -27.07 -2.37 0.88
C GLY A 69 -25.69 -1.75 1.04
N ASN A 70 -24.75 -2.46 1.65
CA ASN A 70 -23.43 -1.89 1.86
C ASN A 70 -22.63 -1.89 0.57
N HIS A 71 -21.83 -0.85 0.38
CA HIS A 71 -20.91 -0.75 -0.74
C HIS A 71 -19.57 -1.35 -0.37
N TYR A 72 -18.92 -1.94 -1.37
CA TYR A 72 -17.60 -2.53 -1.22
C TYR A 72 -16.81 -2.32 -2.51
N ALA A 73 -15.49 -2.37 -2.38
CA ALA A 73 -14.58 -2.43 -3.51
C ALA A 73 -14.20 -3.90 -3.72
N MET A 74 -14.52 -4.44 -4.89
CA MET A 74 -14.27 -5.84 -5.20
C MET A 74 -13.12 -5.92 -6.19
N LYS A 75 -12.00 -6.49 -5.76
CA LYS A 75 -10.87 -6.74 -6.65
C LYS A 75 -11.06 -8.11 -7.29
N ILE A 76 -11.01 -8.14 -8.63
CA ILE A 76 -11.28 -9.33 -9.42
C ILE A 76 -10.02 -9.65 -10.19
N LEU A 77 -9.47 -10.84 -9.98
CA LEU A 77 -8.29 -11.29 -10.70
C LEU A 77 -8.62 -12.47 -11.60
N ASP A 78 -8.20 -12.39 -12.86
CA ASP A 78 -8.42 -13.46 -13.82
C ASP A 78 -7.35 -14.53 -13.62
N LYS A 79 -7.77 -15.74 -13.23
CA LYS A 79 -6.79 -16.77 -12.88
C LYS A 79 -5.85 -17.08 -14.03
N GLN A 80 -6.38 -17.18 -15.25
CA GLN A 80 -5.51 -17.50 -16.38
C GLN A 80 -4.46 -16.41 -16.62
N LYS A 81 -4.83 -15.14 -16.44
CA LYS A 81 -3.86 -14.07 -16.64
C LYS A 81 -2.87 -14.01 -15.50
N VAL A 82 -3.31 -14.30 -14.28
CA VAL A 82 -2.40 -14.39 -13.15
C VAL A 82 -1.32 -15.42 -13.44
N VAL A 83 -1.72 -16.59 -13.96
CA VAL A 83 -0.76 -17.63 -14.30
C VAL A 83 0.19 -17.15 -15.39
N LYS A 84 -0.36 -16.58 -16.46
CA LYS A 84 0.48 -16.14 -17.57
C LYS A 84 1.51 -15.12 -17.12
N LEU A 85 1.12 -14.19 -16.24
CA LEU A 85 2.03 -13.14 -15.79
C LEU A 85 2.82 -13.55 -14.55
N LYS A 86 2.81 -14.84 -14.21
CA LYS A 86 3.66 -15.39 -13.14
C LYS A 86 3.38 -14.73 -11.80
N GLN A 87 2.10 -14.51 -11.50
CA GLN A 87 1.68 -13.87 -10.26
C GLN A 87 0.98 -14.84 -9.31
N ILE A 88 1.09 -16.15 -9.49
CA ILE A 88 0.34 -17.08 -8.63
C ILE A 88 0.69 -16.86 -7.16
N GLU A 89 1.97 -17.00 -6.81
CA GLU A 89 2.35 -16.89 -5.40
C GLU A 89 2.00 -15.51 -4.86
N HIS A 90 2.17 -14.48 -5.67
CA HIS A 90 1.86 -13.13 -5.23
C HIS A 90 0.39 -12.98 -4.89
N THR A 91 -0.49 -13.55 -5.71
CA THR A 91 -1.92 -13.42 -5.43
C THR A 91 -2.31 -14.21 -4.19
N LEU A 92 -1.68 -15.37 -3.98
CA LEU A 92 -1.92 -16.14 -2.76
C LEU A 92 -1.40 -15.40 -1.53
N ASN A 93 -0.20 -14.81 -1.65
CA ASN A 93 0.32 -13.93 -0.59
C ASN A 93 -0.69 -12.84 -0.25
N GLU A 94 -1.15 -12.14 -1.28
CA GLU A 94 -2.00 -10.95 -1.10
C GLU A 94 -3.22 -11.29 -0.25
N LYS A 95 -3.93 -12.35 -0.61
CA LYS A 95 -5.14 -12.68 0.11
C LYS A 95 -4.84 -13.27 1.49
N ARG A 96 -3.83 -14.14 1.60
CA ARG A 96 -3.54 -14.71 2.91
C ARG A 96 -3.12 -13.64 3.91
N ILE A 97 -2.34 -12.66 3.46
CA ILE A 97 -1.93 -11.57 4.35
C ILE A 97 -3.12 -10.68 4.71
N LEU A 98 -3.90 -10.28 3.70
N LEU A 98 -3.87 -10.23 3.69
CA LEU A 98 -4.93 -9.29 3.97
CA LEU A 98 -4.96 -9.30 3.95
C LEU A 98 -6.07 -9.84 4.82
C LEU A 98 -5.96 -9.88 4.94
N GLN A 99 -6.31 -11.16 4.78
CA GLN A 99 -7.29 -11.74 5.68
C GLN A 99 -6.75 -11.88 7.11
N ALA A 100 -5.44 -11.71 7.33
CA ALA A 100 -4.86 -11.92 8.64
C ALA A 100 -4.45 -10.64 9.36
N VAL A 101 -4.36 -9.50 8.67
CA VAL A 101 -3.87 -8.27 9.29
C VAL A 101 -5.02 -7.46 9.88
N ASN A 102 -4.67 -6.51 10.76
CA ASN A 102 -5.63 -5.65 11.44
C ASN A 102 -4.86 -4.44 11.96
N PHE A 103 -5.02 -3.29 11.30
CA PHE A 103 -4.32 -2.09 11.72
C PHE A 103 -5.10 -0.89 11.21
N PRO A 104 -5.10 0.26 11.91
CA PRO A 104 -6.04 1.34 11.54
C PRO A 104 -5.84 1.90 10.15
N PHE A 105 -4.66 1.73 9.54
CA PHE A 105 -4.35 2.32 8.24
C PHE A 105 -4.20 1.28 7.15
N LEU A 106 -4.69 0.05 7.37
CA LEU A 106 -4.75 -1.01 6.35
C LEU A 106 -6.19 -1.27 5.96
N VAL A 107 -6.44 -1.37 4.65
CA VAL A 107 -7.77 -1.69 4.17
C VAL A 107 -8.24 -3.00 4.77
N LYS A 108 -9.53 -3.06 5.02
CA LYS A 108 -10.18 -4.22 5.61
C LYS A 108 -10.74 -5.14 4.52
N LEU A 109 -10.28 -6.40 4.52
CA LEU A 109 -10.89 -7.44 3.68
C LEU A 109 -12.12 -7.99 4.41
N GLU A 110 -13.27 -7.89 3.74
CA GLU A 110 -14.53 -8.35 4.32
C GLU A 110 -14.93 -9.74 3.85
N PHE A 111 -14.72 -10.07 2.58
CA PHE A 111 -15.03 -11.39 2.05
C PHE A 111 -13.99 -11.75 0.99
N SER A 112 -13.85 -13.05 0.75
CA SER A 112 -13.11 -13.52 -0.42
C SER A 112 -13.75 -14.81 -0.92
N PHE A 113 -13.55 -15.08 -2.20
CA PHE A 113 -14.06 -16.28 -2.83
C PHE A 113 -13.44 -16.38 -4.21
N LYS A 114 -13.68 -17.52 -4.87
CA LYS A 114 -13.23 -17.74 -6.23
C LYS A 114 -14.32 -18.50 -6.98
N ASP A 115 -14.23 -18.48 -8.30
CA ASP A 115 -15.15 -19.25 -9.14
C ASP A 115 -14.34 -19.88 -10.25
N ASN A 116 -15.02 -20.35 -11.30
CA ASN A 116 -14.29 -21.05 -12.36
C ASN A 116 -13.22 -20.19 -13.00
N SER A 117 -13.43 -18.87 -13.07
CA SER A 117 -12.52 -17.98 -13.81
C SER A 117 -11.68 -17.06 -12.95
N ASN A 118 -12.20 -16.57 -11.82
CA ASN A 118 -11.64 -15.41 -11.13
C ASN A 118 -11.43 -15.67 -9.65
N LEU A 119 -10.55 -14.85 -9.07
CA LEU A 119 -10.38 -14.69 -7.63
C LEU A 119 -10.98 -13.35 -7.26
N TYR A 120 -11.61 -13.29 -6.09
CA TYR A 120 -12.32 -12.10 -5.62
C TYR A 120 -11.90 -11.75 -4.20
N MET A 121 -11.60 -10.47 -3.99
CA MET A 121 -11.36 -9.92 -2.66
C MET A 121 -12.28 -8.72 -2.51
N VAL A 122 -13.16 -8.79 -1.51
CA VAL A 122 -14.19 -7.77 -1.28
C VAL A 122 -13.76 -6.99 -0.06
N MET A 123 -13.46 -5.71 -0.26
CA MET A 123 -12.94 -4.85 0.78
C MET A 123 -13.85 -3.65 1.01
N GLU A 124 -13.63 -2.99 2.13
CA GLU A 124 -14.31 -1.72 2.37
C GLU A 124 -14.07 -0.77 1.20
N TYR A 125 -15.12 -0.06 0.80
CA TYR A 125 -15.01 0.98 -0.22
C TYR A 125 -14.67 2.30 0.44
N VAL A 126 -13.60 2.93 -0.04
CA VAL A 126 -13.10 4.20 0.49
C VAL A 126 -13.38 5.27 -0.57
N PRO A 127 -14.43 6.07 -0.42
CA PRO A 127 -14.86 6.97 -1.51
C PRO A 127 -13.94 8.16 -1.75
N GLY A 128 -13.01 8.48 -0.85
CA GLY A 128 -12.21 9.67 -1.01
C GLY A 128 -11.20 9.62 -2.13
N GLY A 129 -10.90 8.43 -2.66
CA GLY A 129 -9.94 8.32 -3.73
C GLY A 129 -8.50 8.12 -3.28
N GLU A 130 -7.63 8.06 -4.27
CA GLU A 130 -6.21 7.82 -4.11
C GLU A 130 -5.47 9.10 -3.78
N MET A 131 -4.43 8.96 -2.97
CA MET A 131 -3.59 10.12 -2.70
C MET A 131 -3.01 10.70 -3.98
N PHE A 132 -2.70 9.83 -4.95
CA PHE A 132 -2.13 10.28 -6.22
C PHE A 132 -2.98 11.38 -6.84
N SER A 133 -4.29 11.18 -6.92
N SER A 133 -4.30 11.19 -6.90
CA SER A 133 -5.16 12.18 -7.52
CA SER A 133 -5.15 12.19 -7.54
C SER A 133 -5.10 13.50 -6.75
C SER A 133 -5.17 13.49 -6.76
N HIS A 134 -5.19 13.42 -5.43
CA HIS A 134 -5.18 14.63 -4.63
C HIS A 134 -3.85 15.37 -4.72
N LEU A 135 -2.75 14.61 -4.72
CA LEU A 135 -1.42 15.23 -4.84
C LEU A 135 -1.28 15.92 -6.19
N ARG A 136 -1.69 15.28 -7.27
CA ARG A 136 -1.56 15.91 -8.56
C ARG A 136 -2.49 17.09 -8.71
N ARG A 137 -3.67 17.04 -8.07
CA ARG A 137 -4.60 18.16 -8.12
C ARG A 137 -4.06 19.38 -7.40
N ILE A 138 -3.53 19.19 -6.19
N ILE A 138 -3.52 19.23 -6.18
CA ILE A 138 -3.03 20.28 -5.36
CA ILE A 138 -3.06 20.39 -5.43
C ILE A 138 -1.68 20.77 -5.85
C ILE A 138 -1.59 20.71 -5.66
N GLY A 139 -0.85 19.84 -6.34
CA GLY A 139 0.51 20.14 -6.75
C GLY A 139 1.51 19.50 -5.81
N ARG A 140 1.59 20.02 -4.59
CA ARG A 140 2.41 19.40 -3.56
CA ARG A 140 2.41 19.40 -3.56
C ARG A 140 1.73 19.64 -2.22
N PHE A 141 2.07 18.80 -1.26
CA PHE A 141 1.58 18.94 0.10
C PHE A 141 2.59 19.74 0.92
N SEP A 142 2.10 20.56 1.84
CA SEP A 142 2.96 21.23 2.79
CB SEP A 142 2.14 22.17 3.66
OG SEP A 142 1.34 21.40 4.54
C SEP A 142 3.66 20.18 3.65
O SEP A 142 3.24 19.03 3.72
P SEP A 142 0.19 22.20 5.35
O1P SEP A 142 -0.76 22.79 4.22
O2P SEP A 142 -0.61 21.15 6.26
O3P SEP A 142 0.82 23.38 6.16
H SEP A 142 1.26 20.73 1.93
HA SEP A 142 3.65 21.74 2.31
HB2 SEP A 142 1.57 22.72 3.09
HB3 SEP A 142 2.74 22.74 4.18
N GLU A 143 4.72 20.56 4.35
CA GLU A 143 5.40 19.57 5.17
C GLU A 143 4.52 18.99 6.28
N PRO A 144 3.70 19.81 6.96
CA PRO A 144 2.78 19.22 7.96
C PRO A 144 1.84 18.19 7.36
N HIS A 145 1.32 18.48 6.16
CA HIS A 145 0.41 17.59 5.48
C HIS A 145 1.11 16.29 5.08
N ALA A 146 2.28 16.41 4.44
CA ALA A 146 3.08 15.23 4.11
C ALA A 146 3.43 14.42 5.36
N ARG A 147 3.75 15.12 6.45
CA ARG A 147 4.17 14.47 7.70
C ARG A 147 3.03 13.68 8.32
N PHE A 148 1.81 14.22 8.26
CA PHE A 148 0.64 13.51 8.75
C PHE A 148 0.48 12.15 8.06
N TYR A 149 0.58 12.13 6.73
CA TYR A 149 0.53 10.87 5.99
C TYR A 149 1.75 10.00 6.29
N ALA A 150 2.94 10.58 6.29
CA ALA A 150 4.16 9.81 6.53
C ALA A 150 4.11 9.10 7.88
N ALA A 151 3.59 9.78 8.91
CA ALA A 151 3.50 9.16 10.23
C ALA A 151 2.66 7.89 10.19
N GLN A 152 1.56 7.92 9.44
CA GLN A 152 0.72 6.73 9.31
C GLN A 152 1.46 5.60 8.63
N ILE A 153 2.24 5.90 7.60
CA ILE A 153 3.04 4.87 6.94
C ILE A 153 4.10 4.32 7.86
N VAL A 154 4.76 5.19 8.64
CA VAL A 154 5.77 4.72 9.59
C VAL A 154 5.15 3.71 10.56
N LEU A 155 4.00 4.05 11.14
CA LEU A 155 3.36 3.13 12.07
C LEU A 155 2.91 1.85 11.38
N THR A 156 2.40 1.98 10.15
CA THR A 156 1.94 0.80 9.42
C THR A 156 3.11 -0.14 9.11
N PHE A 157 4.25 0.40 8.71
CA PHE A 157 5.42 -0.43 8.46
C PHE A 157 5.97 -1.02 9.76
N GLU A 158 5.95 -0.27 10.86
CA GLU A 158 6.33 -0.86 12.14
C GLU A 158 5.49 -2.09 12.42
N TYR A 159 4.17 -1.98 12.22
CA TYR A 159 3.25 -3.11 12.40
C TYR A 159 3.59 -4.25 11.44
N LEU A 160 3.63 -3.96 10.13
CA LEU A 160 3.86 -5.01 9.14
C LEU A 160 5.21 -5.70 9.35
N HIS A 161 6.26 -4.91 9.52
CA HIS A 161 7.59 -5.51 9.66
C HIS A 161 7.70 -6.37 10.91
N SER A 162 6.99 -6.01 11.98
CA SER A 162 7.04 -6.82 13.18
C SER A 162 6.38 -8.19 12.98
N LEU A 163 5.48 -8.30 12.00
CA LEU A 163 4.86 -9.55 11.60
C LEU A 163 5.67 -10.28 10.54
N ASP A 164 6.88 -9.81 10.24
CA ASP A 164 7.72 -10.38 9.18
C ASP A 164 7.13 -10.18 7.80
N LEU A 165 6.34 -9.12 7.61
CA LEU A 165 5.75 -8.78 6.33
C LEU A 165 6.50 -7.62 5.71
N ILE A 166 6.81 -7.75 4.41
CA ILE A 166 7.32 -6.64 3.59
C ILE A 166 6.21 -6.24 2.64
N TYR A 167 6.01 -4.94 2.46
CA TYR A 167 4.88 -4.45 1.67
C TYR A 167 5.19 -4.35 0.17
N ARG A 168 6.29 -3.69 -0.20
CA ARG A 168 6.87 -3.74 -1.55
C ARG A 168 6.09 -3.00 -2.63
N ASP A 169 5.11 -2.18 -2.30
CA ASP A 169 4.47 -1.41 -3.35
C ASP A 169 4.02 -0.04 -2.86
N LEU A 170 4.81 0.60 -2.01
CA LEU A 170 4.45 1.93 -1.56
C LEU A 170 4.54 2.93 -2.71
N LYS A 171 3.44 3.65 -2.94
CA LYS A 171 3.36 4.72 -3.93
C LYS A 171 2.01 5.41 -3.72
N PRO A 172 1.85 6.66 -4.21
CA PRO A 172 0.62 7.40 -3.89
C PRO A 172 -0.67 6.74 -4.36
N GLU A 173 -0.64 6.00 -5.47
CA GLU A 173 -1.84 5.36 -5.97
C GLU A 173 -2.38 4.30 -5.04
N ASN A 174 -1.55 3.76 -4.15
CA ASN A 174 -1.97 2.68 -3.25
C ASN A 174 -2.41 3.18 -1.91
N LEU A 175 -2.51 4.49 -1.72
CA LEU A 175 -2.89 5.07 -0.45
C LEU A 175 -4.22 5.78 -0.64
N LEU A 176 -5.29 5.20 -0.10
CA LEU A 176 -6.61 5.78 -0.20
C LEU A 176 -6.81 6.75 0.95
N ILE A 177 -7.56 7.81 0.69
N ILE A 177 -7.60 7.79 0.71
CA ILE A 177 -7.89 8.81 1.70
CA ILE A 177 -7.86 8.82 1.72
C ILE A 177 -9.32 8.57 2.13
C ILE A 177 -9.32 8.71 2.16
N ASP A 178 -9.52 8.37 3.43
CA ASP A 178 -10.83 7.97 3.94
C ASP A 178 -11.67 9.18 4.37
N GLN A 179 -12.85 8.87 4.93
CA GLN A 179 -13.83 9.87 5.27
C GLN A 179 -13.36 10.80 6.39
N GLN A 180 -12.33 10.41 7.13
CA GLN A 180 -11.72 11.26 8.15
C GLN A 180 -10.42 11.89 7.69
N GLY A 181 -10.04 11.68 6.43
CA GLY A 181 -8.81 12.19 5.88
C GLY A 181 -7.57 11.37 6.20
N TYR A 182 -7.73 10.20 6.78
CA TYR A 182 -6.63 9.29 7.08
C TYR A 182 -6.38 8.31 5.94
N ILE A 183 -5.20 7.70 5.95
N ILE A 183 -5.22 7.68 5.96
CA ILE A 183 -4.76 6.77 4.91
CA ILE A 183 -4.76 6.78 4.91
C ILE A 183 -5.32 5.38 5.17
C ILE A 183 -5.27 5.37 5.16
N GLN A 184 -5.68 4.70 4.09
CA GLN A 184 -5.90 3.25 4.07
C GLN A 184 -5.01 2.69 2.98
N VAL A 185 -4.01 1.89 3.35
CA VAL A 185 -3.12 1.25 2.39
C VAL A 185 -3.85 0.10 1.73
N THR A 186 -3.84 0.09 0.41
CA THR A 186 -4.40 -1.01 -0.33
C THR A 186 -3.34 -1.62 -1.27
N ASP A 187 -3.76 -2.63 -1.99
CA ASP A 187 -2.95 -3.36 -2.95
C ASP A 187 -1.79 -4.07 -2.28
N PHE A 188 -2.08 -5.23 -1.73
CA PHE A 188 -1.10 -6.12 -1.15
C PHE A 188 -0.56 -7.14 -2.18
N GLY A 189 -0.67 -6.83 -3.46
CA GLY A 189 -0.27 -7.77 -4.50
C GLY A 189 1.19 -8.19 -4.46
N PHE A 190 2.07 -7.34 -3.91
CA PHE A 190 3.48 -7.68 -3.73
C PHE A 190 3.88 -7.93 -2.29
N ALA A 191 2.94 -7.89 -1.34
CA ALA A 191 3.31 -8.08 0.06
C ALA A 191 3.68 -9.55 0.28
N LYS A 192 4.62 -9.79 1.19
CA LYS A 192 5.12 -11.14 1.39
C LYS A 192 5.60 -11.33 2.82
N ARG A 193 5.33 -12.51 3.36
CA ARG A 193 5.90 -12.88 4.65
C ARG A 193 7.31 -13.42 4.44
N VAL A 194 8.29 -12.74 5.04
CA VAL A 194 9.71 -12.95 4.76
C VAL A 194 10.43 -12.88 6.10
N LYS A 195 11.12 -13.95 6.46
CA LYS A 195 12.11 -13.93 7.54
C LYS A 195 13.47 -13.89 6.85
N GLY A 196 14.15 -12.76 6.96
CA GLY A 196 15.40 -12.59 6.29
C GLY A 196 15.22 -11.92 4.95
N ARG A 197 15.67 -12.56 3.88
CA ARG A 197 15.76 -11.95 2.57
C ARG A 197 14.74 -12.56 1.62
N THR A 198 14.45 -11.80 0.57
CA THR A 198 13.66 -12.27 -0.56
C THR A 198 14.27 -11.68 -1.84
N TRP A 199 13.87 -12.21 -2.99
CA TRP A 199 14.59 -11.92 -4.23
C TRP A 199 13.78 -11.43 -5.44
N TPO A 200 12.45 -11.43 -5.37
CA TPO A 200 11.66 -11.11 -6.56
CB TPO A 200 10.19 -11.44 -6.32
CG2 TPO A 200 9.44 -11.37 -7.65
OG1 TPO A 200 10.09 -12.78 -5.88
P TPO A 200 9.48 -12.89 -4.40
O1P TPO A 200 9.61 -14.42 -3.96
O2P TPO A 200 7.97 -12.40 -4.39
O3P TPO A 200 10.30 -12.01 -3.52
C TPO A 200 11.78 -9.67 -7.01
O TPO A 200 11.64 -8.73 -6.22
H TPO A 200 11.99 -11.60 -4.66
HA TPO A 200 11.98 -11.67 -7.29
HB TPO A 200 9.75 -10.77 -5.59
HG21 TPO A 200 8.38 -11.61 -7.48
HG22 TPO A 200 9.87 -12.08 -8.35
HG23 TPO A 200 9.51 -10.35 -8.05
N LEU A 201 11.97 -9.49 -8.31
CA LEU A 201 11.89 -8.16 -8.91
C LEU A 201 10.42 -7.76 -9.00
N CYS A 202 10.02 -6.81 -8.17
CA CYS A 202 8.66 -6.30 -8.19
C CYS A 202 8.64 -4.94 -7.52
N GLY A 203 7.57 -4.21 -7.79
CA GLY A 203 7.41 -2.84 -7.32
C GLY A 203 7.08 -1.98 -8.50
N THR A 204 7.30 -0.68 -8.35
CA THR A 204 7.12 0.31 -9.39
C THR A 204 8.43 1.08 -9.58
N PRO A 205 8.86 1.33 -10.82
CA PRO A 205 10.25 1.81 -11.04
C PRO A 205 10.72 2.95 -10.15
N GLU A 206 9.94 4.02 -10.06
CA GLU A 206 10.35 5.20 -9.34
C GLU A 206 10.60 4.92 -7.86
N TYR A 207 10.03 3.85 -7.31
CA TYR A 207 10.06 3.57 -5.89
CA TYR A 207 10.07 3.58 -5.88
C TYR A 207 11.01 2.44 -5.50
N LEU A 208 11.70 1.82 -6.46
CA LEU A 208 12.55 0.67 -6.19
C LEU A 208 13.85 1.07 -5.49
N ALA A 209 14.20 0.35 -4.43
CA ALA A 209 15.48 0.54 -3.77
C ALA A 209 16.62 0.02 -4.65
N PRO A 210 17.83 0.54 -4.47
CA PRO A 210 18.96 0.07 -5.28
C PRO A 210 19.15 -1.43 -5.23
N GLU A 211 18.96 -2.04 -4.06
CA GLU A 211 19.24 -3.47 -3.95
C GLU A 211 18.24 -4.32 -4.74
N ILE A 212 17.02 -3.81 -4.99
CA ILE A 212 16.11 -4.50 -5.90
C ILE A 212 16.62 -4.41 -7.33
N ILE A 213 16.99 -3.21 -7.76
CA ILE A 213 17.49 -2.99 -9.11
C ILE A 213 18.71 -3.86 -9.39
N LEU A 214 19.57 -4.03 -8.39
CA LEU A 214 20.81 -4.78 -8.56
C LEU A 214 20.65 -6.27 -8.30
N SER A 215 19.41 -6.75 -8.14
CA SER A 215 19.12 -8.19 -8.10
C SER A 215 19.72 -8.88 -6.88
N LYS A 216 19.77 -8.17 -5.76
CA LYS A 216 20.28 -8.71 -4.51
C LYS A 216 19.14 -9.37 -3.72
N GLY A 217 19.53 -10.17 -2.74
CA GLY A 217 18.61 -10.59 -1.70
C GLY A 217 18.35 -9.45 -0.75
N TYR A 218 17.12 -8.97 -0.72
CA TYR A 218 16.79 -7.74 0.00
C TYR A 218 15.78 -8.01 1.10
N ASN A 219 15.57 -7.02 1.96
CA ASN A 219 14.77 -7.20 3.17
C ASN A 219 13.85 -5.98 3.34
N LYS A 220 13.31 -5.83 4.55
CA LYS A 220 12.35 -4.76 4.83
C LYS A 220 12.92 -3.36 4.59
N ALA A 221 14.25 -3.21 4.51
CA ALA A 221 14.82 -1.90 4.23
C ALA A 221 14.30 -1.31 2.93
N VAL A 222 13.80 -2.13 2.01
CA VAL A 222 13.28 -1.57 0.75
C VAL A 222 12.03 -0.74 0.99
N ASP A 223 11.23 -1.09 2.01
CA ASP A 223 10.04 -0.31 2.34
C ASP A 223 10.44 1.06 2.89
N TRP A 224 11.52 1.13 3.69
CA TRP A 224 11.95 2.42 4.23
C TRP A 224 12.52 3.31 3.13
N TRP A 225 13.26 2.73 2.17
CA TRP A 225 13.65 3.48 0.98
C TRP A 225 12.42 4.05 0.28
N ALA A 226 11.41 3.21 0.06
CA ALA A 226 10.21 3.69 -0.62
C ALA A 226 9.53 4.79 0.15
N LEU A 227 9.59 4.76 1.48
CA LEU A 227 9.02 5.85 2.26
C LEU A 227 9.75 7.15 1.98
N GLY A 228 11.08 7.10 1.84
CA GLY A 228 11.81 8.29 1.43
C GLY A 228 11.34 8.82 0.09
N VAL A 229 11.14 7.94 -0.88
CA VAL A 229 10.62 8.38 -2.16
C VAL A 229 9.25 9.03 -2.00
N LEU A 230 8.37 8.41 -1.22
CA LEU A 230 7.02 8.93 -1.03
C LEU A 230 7.03 10.29 -0.37
N ILE A 231 7.83 10.46 0.69
CA ILE A 231 7.87 11.75 1.38
C ILE A 231 8.38 12.82 0.43
N TYR A 232 9.46 12.52 -0.30
CA TYR A 232 9.97 13.47 -1.28
C TYR A 232 8.86 13.85 -2.27
N GLU A 233 8.19 12.84 -2.84
CA GLU A 233 7.14 13.12 -3.82
C GLU A 233 5.99 13.94 -3.24
N MET A 234 5.55 13.61 -2.02
CA MET A 234 4.49 14.40 -1.40
C MET A 234 4.89 15.86 -1.21
N ALA A 235 6.13 16.10 -0.78
CA ALA A 235 6.56 17.45 -0.44
C ALA A 235 7.00 18.25 -1.67
N ALA A 236 7.47 17.59 -2.71
CA ALA A 236 7.94 18.27 -3.93
C ALA A 236 6.89 18.33 -5.03
N GLY A 237 6.04 17.32 -5.10
CA GLY A 237 5.09 17.17 -6.18
C GLY A 237 5.54 16.21 -7.27
N TYR A 238 6.77 15.72 -7.19
CA TYR A 238 7.33 14.80 -8.17
C TYR A 238 8.34 13.94 -7.42
N PRO A 239 8.62 12.73 -7.92
CA PRO A 239 9.54 11.84 -7.19
C PRO A 239 10.99 12.22 -7.43
N PRO A 240 11.89 11.75 -6.57
CA PRO A 240 13.28 12.20 -6.66
C PRO A 240 14.05 11.68 -7.86
N PHE A 241 13.67 10.50 -8.37
N PHE A 241 13.68 10.55 -8.47
CA PHE A 241 14.31 9.84 -9.50
CA PHE A 241 14.54 9.93 -9.49
C PHE A 241 13.26 9.69 -10.59
C PHE A 241 13.80 9.63 -10.80
N PHE A 242 13.37 10.53 -11.62
N PHE A 242 13.10 10.61 -11.38
CA PHE A 242 12.35 10.69 -12.64
CA PHE A 242 12.29 10.33 -12.55
C PHE A 242 13.04 10.67 -13.99
C PHE A 242 13.07 10.43 -13.86
N ALA A 243 12.47 9.93 -14.94
CA ALA A 243 13.01 9.91 -16.29
C ALA A 243 12.00 9.22 -17.20
N ASP A 244 12.25 9.29 -18.51
CA ASP A 244 11.32 8.77 -19.51
CA ASP A 244 11.29 8.77 -19.47
C ASP A 244 11.41 7.26 -19.66
N GLN A 245 12.62 6.68 -19.47
CA GLN A 245 12.79 5.24 -19.58
C GLN A 245 13.11 4.65 -18.20
N PRO A 246 12.60 3.45 -17.89
CA PRO A 246 13.00 2.84 -16.61
C PRO A 246 14.50 2.77 -16.39
N ILE A 247 15.29 2.42 -17.43
CA ILE A 247 16.72 2.25 -17.21
C ILE A 247 17.36 3.57 -16.76
N GLN A 248 16.83 4.70 -17.24
CA GLN A 248 17.35 6.00 -16.81
C GLN A 248 16.98 6.30 -15.36
N ILE A 249 15.77 5.90 -14.95
CA ILE A 249 15.39 6.00 -13.54
C ILE A 249 16.35 5.17 -12.70
N TYR A 250 16.64 3.95 -13.14
CA TYR A 250 17.45 3.04 -12.34
C TYR A 250 18.87 3.56 -12.19
N GLU A 251 19.41 4.18 -13.23
CA GLU A 251 20.73 4.79 -13.13
C GLU A 251 20.76 5.86 -12.05
N LYS A 252 19.70 6.68 -11.96
CA LYS A 252 19.66 7.72 -10.94
C LYS A 252 19.55 7.11 -9.55
N ILE A 253 18.72 6.08 -9.40
CA ILE A 253 18.51 5.47 -8.09
C ILE A 253 19.82 4.94 -7.53
N VAL A 254 20.58 4.20 -8.33
CA VAL A 254 21.79 3.58 -7.81
C VAL A 254 22.94 4.57 -7.63
N SER A 255 22.82 5.79 -8.18
CA SER A 255 23.94 6.73 -8.20
C SER A 255 24.32 7.27 -6.82
N GLY A 256 23.38 7.30 -5.89
CA GLY A 256 23.66 7.89 -4.59
C GLY A 256 23.56 9.40 -4.55
N LYS A 257 22.90 10.00 -5.54
CA LYS A 257 22.75 11.45 -5.65
C LYS A 257 21.27 11.79 -5.74
N VAL A 258 20.85 12.76 -4.93
CA VAL A 258 19.50 13.29 -4.97
C VAL A 258 19.60 14.80 -4.81
N ARG A 259 18.74 15.52 -5.52
CA ARG A 259 18.65 16.97 -5.42
C ARG A 259 17.35 17.33 -4.73
N PHE A 260 17.42 18.29 -3.82
CA PHE A 260 16.25 18.69 -3.07
C PHE A 260 15.83 20.10 -3.47
N PRO A 261 14.52 20.35 -3.58
CA PRO A 261 14.05 21.72 -3.77
C PRO A 261 14.48 22.63 -2.62
N SER A 262 14.77 23.88 -2.94
N SER A 262 14.78 23.89 -2.96
CA SER A 262 15.18 24.81 -1.89
CA SER A 262 15.14 24.87 -1.95
C SER A 262 14.08 25.05 -0.86
C SER A 262 14.10 24.97 -0.85
N HIS A 263 12.82 24.81 -1.18
CA HIS A 263 11.76 25.00 -0.20
C HIS A 263 11.73 23.91 0.86
N PHE A 264 12.38 22.77 0.65
CA PHE A 264 12.45 21.75 1.68
C PHE A 264 13.17 22.31 2.90
N SER A 265 12.63 21.99 4.08
CA SER A 265 13.32 22.32 5.32
C SER A 265 14.61 21.50 5.46
N SER A 266 15.54 22.02 6.28
CA SER A 266 16.75 21.26 6.58
C SER A 266 16.43 19.92 7.20
N ASP A 267 15.46 19.87 8.12
CA ASP A 267 15.08 18.61 8.76
C ASP A 267 14.58 17.61 7.74
N LEU A 268 13.77 18.07 6.79
CA LEU A 268 13.26 17.16 5.75
C LEU A 268 14.40 16.60 4.93
N LYS A 269 15.32 17.45 4.48
CA LYS A 269 16.46 16.97 3.70
C LYS A 269 17.26 15.95 4.49
N ASP A 270 17.51 16.21 5.77
CA ASP A 270 18.30 15.28 6.57
C ASP A 270 17.61 13.92 6.68
N LEU A 271 16.30 13.92 6.97
CA LEU A 271 15.57 12.65 7.03
C LEU A 271 15.66 11.91 5.71
N LEU A 272 15.47 12.63 4.61
CA LEU A 272 15.45 11.98 3.31
C LEU A 272 16.82 11.43 2.93
N ARG A 273 17.91 12.10 3.29
CA ARG A 273 19.22 11.53 3.02
C ARG A 273 19.43 10.19 3.73
N ASN A 274 18.81 10.03 4.90
CA ASN A 274 18.93 8.80 5.68
C ASN A 274 17.95 7.71 5.25
N LEU A 275 16.80 8.06 4.66
CA LEU A 275 15.91 7.06 4.08
C LEU A 275 16.37 6.65 2.68
N LEU A 276 16.81 7.62 1.88
CA LEU A 276 17.34 7.39 0.53
C LEU A 276 18.82 7.10 0.55
N GLN A 277 19.24 6.30 1.51
CA GLN A 277 20.61 5.88 1.67
C GLN A 277 20.82 4.63 0.82
N VAL A 278 21.72 4.72 -0.16
CA VAL A 278 21.92 3.59 -1.07
C VAL A 278 22.47 2.37 -0.36
N ASP A 279 23.30 2.56 0.67
CA ASP A 279 23.84 1.45 1.44
C ASP A 279 22.77 1.02 2.44
N LEU A 280 22.17 -0.16 2.21
CA LEU A 280 21.06 -0.59 3.02
C LEU A 280 21.46 -0.80 4.47
N THR A 281 22.75 -1.05 4.75
CA THR A 281 23.20 -1.25 6.12
C THR A 281 23.31 0.06 6.89
N LYS A 282 23.13 1.19 6.22
CA LYS A 282 23.16 2.52 6.83
C LYS A 282 21.83 3.24 6.76
N ARG A 283 20.79 2.60 6.26
CA ARG A 283 19.51 3.24 5.97
C ARG A 283 18.62 3.26 7.22
N PHE A 284 18.05 4.43 7.50
CA PHE A 284 17.10 4.53 8.60
C PHE A 284 15.97 3.53 8.43
N GLY A 285 15.57 2.93 9.54
CA GLY A 285 14.64 1.84 9.56
C GLY A 285 15.30 0.48 9.58
N ASN A 286 16.58 0.41 9.22
CA ASN A 286 17.32 -0.85 9.15
C ASN A 286 18.54 -0.85 10.06
N LEU A 287 18.60 0.08 11.02
CA LEU A 287 19.71 0.11 11.96
C LEU A 287 19.29 -0.55 13.27
N LYS A 288 20.23 -0.61 14.22
CA LYS A 288 19.96 -1.29 15.47
C LYS A 288 18.76 -0.69 16.20
N ASN A 289 18.52 0.61 16.07
N ASN A 289 18.53 0.61 16.06
CA ASN A 289 17.38 1.25 16.72
CA ASN A 289 17.41 1.29 16.70
C ASN A 289 16.12 1.20 15.87
C ASN A 289 16.12 1.17 15.89
N GLY A 290 16.17 0.55 14.71
CA GLY A 290 14.97 0.27 13.94
C GLY A 290 14.15 1.51 13.62
N VAL A 291 12.84 1.39 13.82
CA VAL A 291 11.93 2.47 13.45
C VAL A 291 12.17 3.70 14.31
N ASN A 292 12.75 3.54 15.50
CA ASN A 292 12.87 4.70 16.36
C ASN A 292 13.83 5.76 15.84
N ASP A 293 14.77 5.39 14.96
CA ASP A 293 15.58 6.42 14.32
C ASP A 293 14.71 7.35 13.47
N ILE A 294 13.64 6.83 12.89
CA ILE A 294 12.70 7.65 12.13
C ILE A 294 11.78 8.41 13.08
N LYS A 295 11.16 7.70 14.03
CA LYS A 295 10.18 8.34 14.89
C LYS A 295 10.79 9.48 15.70
N ASN A 296 12.08 9.37 16.07
CA ASN A 296 12.76 10.38 16.89
C ASN A 296 13.46 11.44 16.08
N HIS A 297 13.38 11.39 14.75
CA HIS A 297 14.05 12.39 13.93
C HIS A 297 13.37 13.74 14.11
N LYS A 298 14.16 14.82 14.01
N LYS A 298 14.17 14.81 13.99
CA LYS A 298 13.61 16.16 14.22
CA LYS A 298 13.67 16.17 14.18
C LYS A 298 12.45 16.47 13.27
C LYS A 298 12.49 16.48 13.26
N TRP A 299 12.44 15.92 12.05
CA TRP A 299 11.32 16.21 11.17
C TRP A 299 9.99 15.76 11.77
N PHE A 300 10.00 14.74 12.63
CA PHE A 300 8.80 14.25 13.28
C PHE A 300 8.61 14.81 14.69
N ALA A 301 9.33 15.86 15.07
CA ALA A 301 9.27 16.33 16.46
C ALA A 301 7.86 16.74 16.88
N THR A 302 7.04 17.25 15.95
CA THR A 302 5.67 17.68 16.25
C THR A 302 4.67 16.53 16.21
N THR A 303 5.08 15.32 15.87
CA THR A 303 4.16 14.21 15.70
C THR A 303 3.87 13.54 17.03
N ASP A 304 2.58 13.46 17.36
CA ASP A 304 2.09 12.70 18.50
C ASP A 304 1.71 11.32 17.97
N TRP A 305 2.63 10.36 18.11
CA TRP A 305 2.49 9.04 17.49
C TRP A 305 1.23 8.32 17.99
N ILE A 306 0.98 8.39 19.30
CA ILE A 306 -0.20 7.74 19.85
C ILE A 306 -1.48 8.39 19.31
N ALA A 307 -1.51 9.72 19.24
CA ALA A 307 -2.71 10.41 18.75
C ALA A 307 -2.98 10.05 17.30
N ILE A 308 -1.91 9.87 16.49
CA ILE A 308 -2.10 9.46 15.10
C ILE A 308 -2.70 8.06 15.06
N TYR A 309 -2.12 7.12 15.80
CA TYR A 309 -2.65 5.76 15.87
C TYR A 309 -4.13 5.76 16.26
N GLN A 310 -4.51 6.57 17.25
CA GLN A 310 -5.88 6.64 17.74
C GLN A 310 -6.79 7.50 16.87
N ARG A 311 -6.27 8.04 15.78
CA ARG A 311 -7.05 8.86 14.85
C ARG A 311 -7.68 10.06 15.56
N LYS A 312 -6.91 10.69 16.43
CA LYS A 312 -7.39 11.85 17.18
C LYS A 312 -6.89 13.17 16.63
N VAL A 313 -5.97 13.14 15.68
CA VAL A 313 -5.46 14.34 15.04
C VAL A 313 -6.42 14.76 13.92
N GLU A 314 -6.76 16.04 13.86
CA GLU A 314 -7.59 16.52 12.75
C GLU A 314 -6.77 16.47 11.46
N ALA A 315 -7.34 15.90 10.42
CA ALA A 315 -6.59 15.68 9.20
C ALA A 315 -6.40 16.95 8.39
N PRO A 316 -5.37 16.98 7.53
CA PRO A 316 -5.15 18.14 6.64
C PRO A 316 -6.34 18.47 5.75
N PHE A 317 -7.01 17.47 5.20
CA PHE A 317 -8.23 17.73 4.46
C PHE A 317 -9.04 16.46 4.41
N ILE A 318 -10.34 16.67 4.22
CA ILE A 318 -11.33 15.62 4.05
C ILE A 318 -11.70 15.64 2.58
N PRO A 319 -11.57 14.53 1.86
CA PRO A 319 -12.02 14.50 0.47
C PRO A 319 -13.47 14.90 0.37
N LYS A 320 -13.79 15.54 -0.75
CA LYS A 320 -15.16 15.90 -1.07
C LYS A 320 -15.85 14.72 -1.75
N PHE A 321 -16.96 14.29 -1.16
CA PHE A 321 -17.75 13.20 -1.72
C PHE A 321 -19.15 13.28 -1.12
N LYS A 322 -20.12 12.72 -1.83
CA LYS A 322 -21.52 12.90 -1.46
C LYS A 322 -22.07 11.81 -0.55
N GLY A 323 -21.40 10.67 -0.47
CA GLY A 323 -21.88 9.57 0.32
C GLY A 323 -21.11 8.31 0.02
N PRO A 324 -21.47 7.21 0.69
CA PRO A 324 -20.69 5.98 0.56
C PRO A 324 -20.72 5.35 -0.82
N GLY A 325 -21.64 5.75 -1.69
CA GLY A 325 -21.69 5.28 -3.06
C GLY A 325 -21.14 6.24 -4.09
N ASP A 326 -20.55 7.36 -3.67
N ASP A 326 -20.58 7.37 -3.68
CA ASP A 326 -20.03 8.37 -4.58
CA ASP A 326 -20.08 8.35 -4.63
C ASP A 326 -18.73 7.88 -5.22
C ASP A 326 -18.77 7.86 -5.22
N THR A 327 -18.67 7.88 -6.55
CA THR A 327 -17.47 7.48 -7.28
C THR A 327 -16.73 8.67 -7.91
N SER A 328 -17.07 9.91 -7.53
CA SER A 328 -16.53 11.10 -8.20
CA SER A 328 -16.54 11.09 -8.22
C SER A 328 -15.02 11.22 -8.05
N ASN A 329 -14.43 10.64 -7.02
CA ASN A 329 -12.98 10.75 -6.83
C ASN A 329 -12.20 9.67 -7.55
N PHE A 330 -12.88 8.79 -8.28
CA PHE A 330 -12.26 7.81 -9.13
C PHE A 330 -12.61 8.16 -10.58
N ASP A 331 -11.84 7.64 -11.50
CA ASP A 331 -12.01 8.06 -12.88
C ASP A 331 -12.77 7.01 -13.68
N ASP A 332 -12.94 7.27 -14.97
CA ASP A 332 -13.87 6.52 -15.81
C ASP A 332 -13.11 5.54 -16.69
N TYR A 333 -13.58 4.30 -16.70
CA TYR A 333 -13.02 3.22 -17.48
C TYR A 333 -14.11 2.54 -18.28
N GLU A 334 -13.71 1.97 -19.42
CA GLU A 334 -14.62 1.12 -20.17
C GLU A 334 -15.15 0.02 -19.27
N GLU A 335 -16.47 -0.15 -19.27
CA GLU A 335 -17.12 -1.19 -18.46
C GLU A 335 -17.13 -2.50 -19.23
N GLU A 336 -16.36 -3.48 -18.74
CA GLU A 336 -16.25 -4.81 -19.36
C GLU A 336 -16.96 -5.86 -18.51
N GLU A 337 -17.35 -6.98 -19.17
CA GLU A 337 -18.04 -8.08 -18.49
C GLU A 337 -17.20 -8.71 -17.38
N ILE A 338 -17.88 -9.27 -16.37
CA ILE A 338 -17.28 -10.20 -15.42
C ILE A 338 -17.77 -11.57 -15.84
N ARG A 339 -17.03 -12.21 -16.74
CA ARG A 339 -17.43 -13.49 -17.28
C ARG A 339 -16.87 -14.64 -16.45
N VAL A 340 -17.71 -15.65 -16.24
CA VAL A 340 -17.31 -16.83 -15.48
C VAL A 340 -17.46 -18.04 -16.39
N SEP A 341 -16.35 -18.70 -16.68
CA SEP A 341 -16.36 -19.84 -17.59
CB SEP A 341 -14.92 -20.34 -17.80
OG SEP A 341 -14.88 -21.55 -18.55
C SEP A 341 -17.23 -20.96 -17.07
O SEP A 341 -17.44 -21.09 -15.86
P SEP A 341 -14.98 -21.40 -20.15
O1P SEP A 341 -14.34 -22.74 -20.75
O2P SEP A 341 -16.54 -21.24 -20.45
O3P SEP A 341 -14.18 -20.08 -20.63
H SEP A 341 -15.57 -18.52 -16.35
HA SEP A 341 -16.70 -19.55 -18.46
HB2 SEP A 341 -14.52 -20.50 -16.94
HB3 SEP A 341 -14.42 -19.66 -18.28
N ILE A 342 -17.79 -21.74 -17.99
CA ILE A 342 -18.55 -22.91 -17.62
C ILE A 342 -17.61 -24.03 -17.10
N ASN A 343 -16.31 -23.89 -17.33
CA ASN A 343 -15.31 -24.86 -16.90
C ASN A 343 -14.34 -24.23 -15.91
N GLU A 344 -13.93 -25.01 -14.91
CA GLU A 344 -12.97 -24.52 -13.93
C GLU A 344 -11.60 -24.33 -14.57
N LYS A 345 -11.00 -23.17 -14.34
CA LYS A 345 -9.66 -22.86 -14.82
C LYS A 345 -8.68 -22.81 -13.64
N CYS A 346 -7.52 -23.44 -13.80
CA CYS A 346 -6.40 -23.27 -12.87
C CYS A 346 -6.80 -23.64 -11.44
N GLY A 347 -7.63 -24.67 -11.29
CA GLY A 347 -8.09 -25.04 -9.97
C GLY A 347 -6.94 -25.40 -9.04
N LYS A 348 -6.00 -26.20 -9.54
CA LYS A 348 -4.92 -26.68 -8.69
C LYS A 348 -4.08 -25.53 -8.18
N GLU A 349 -3.71 -24.60 -9.07
CA GLU A 349 -2.83 -23.49 -8.69
C GLU A 349 -3.41 -22.67 -7.55
N PHE A 350 -4.74 -22.55 -7.48
CA PHE A 350 -5.40 -21.65 -6.54
C PHE A 350 -6.18 -22.38 -5.45
N THR A 351 -5.84 -23.66 -5.20
CA THR A 351 -6.52 -24.45 -4.18
C THR A 351 -6.64 -23.73 -2.85
N GLU A 352 -5.56 -23.08 -2.39
N GLU A 352 -5.56 -23.08 -2.40
CA GLU A 352 -5.57 -22.51 -1.05
CA GLU A 352 -5.53 -22.49 -1.06
C GLU A 352 -6.36 -21.20 -0.96
C GLU A 352 -6.30 -21.18 -0.96
N PHE A 353 -6.70 -20.58 -2.08
CA PHE A 353 -7.39 -19.29 -2.05
C PHE A 353 -8.80 -19.45 -1.47
N1 NCA B . -12.00 1.68 -2.09
C2 NCA B . -11.30 0.59 -1.73
C3 NCA B . -10.33 0.01 -2.53
C4 NCA B . -10.10 0.58 -3.77
C5 NCA B . -10.82 1.69 -4.17
C6 NCA B . -11.75 2.22 -3.28
C7 NCA B . -9.53 -1.19 -2.09
O7 NCA B . -8.69 -1.66 -2.86
N7 NCA B . -9.75 -1.68 -0.88
H2 NCA B . -11.54 0.19 -0.75
H4 NCA B . -9.35 0.15 -4.44
H5 NCA B . -10.65 2.15 -5.14
H6 NCA B . -12.32 3.10 -3.52
HN71 NCA B . -10.43 -1.28 -0.24
HN72 NCA B . -9.23 -2.48 -0.54
S DMS C . -3.94 -4.93 18.66
O DMS C . -3.52 -5.43 17.32
C1 DMS C . -5.14 -6.09 19.35
C2 DMS C . -2.55 -5.10 19.81
H11 DMS C . -6.01 -6.10 18.76
H12 DMS C . -5.38 -5.80 20.34
H13 DMS C . -4.72 -7.06 19.37
H21 DMS C . -2.21 -6.10 19.82
H22 DMS C . -2.86 -4.82 20.79
H23 DMS C . -1.75 -4.45 19.50
S DMS D . -0.02 15.47 15.10
O DMS D . 0.88 14.30 15.28
C1 DMS D . -0.26 16.26 16.71
C2 DMS D . 0.87 16.79 14.23
H11 DMS D . -0.82 17.15 16.59
H12 DMS D . 0.68 16.49 17.14
H13 DMS D . -0.78 15.60 17.35
H21 DMS D . 0.26 17.66 14.18
H22 DMS D . 1.09 16.47 13.25
H23 DMS D . 1.77 17.02 14.75
S DMS E . 15.08 19.96 -8.36
O DMS E . 14.95 19.14 -7.12
C1 DMS E . 14.85 21.72 -7.93
C2 DMS E . 16.81 20.00 -8.90
H11 DMS E . 15.53 21.98 -7.17
H12 DMS E . 15.01 22.31 -8.79
H13 DMS E . 13.86 21.87 -7.58
H21 DMS E . 17.11 19.03 -9.19
H22 DMS E . 16.90 20.66 -9.73
H23 DMS E . 17.42 20.34 -8.11
#